data_3ADR
#
_entry.id   3ADR
#
_cell.length_a   163.970
_cell.length_b   45.230
_cell.length_c   110.890
_cell.angle_alpha   90.000
_cell.angle_beta   131.640
_cell.angle_gamma   90.000
#
_symmetry.space_group_name_H-M   'C 1 2 1'
#
loop_
_entity.id
_entity.type
_entity.pdbx_description
1 polymer 'Putative uncharacterized protein ST1585'
2 non-polymer 'ZINC ION'
3 non-polymer 1,2-ETHANEDIOL
4 non-polymer '4-(2-HYDROXYETHYL)-1-PIPERAZINE ETHANESULFONIC ACID'
5 water water
#
_entity_poly.entity_id   1
_entity_poly.type   'polypeptide(L)'
_entity_poly.pdbx_seq_one_letter_code
;(MSE)PCRGLHSIPAGPVEFPEIATVYV(MSE)CGEKLTV(MSE)IDAGVSNSIADFSFLDKLDYIVLTHLHIDHIGLLP
ELLQVYKAKVLVKSGFKKYLTSEDGLKKLNESAEKVLGDLYYVYGGLEKKLDQDKVIEVEGNEEFDLGGYR(MSE)RLIY
TPGHARHH(MSE)SVLVDDFLFTGDSAGAYFNGVVIPTTPPVIDYK(MSE)Y(MSE)ESLKRQIELKPKVVGFAHGGLVS
PKI(MSE)EEHLKQ(MSE)LSKEEIQINVDIGGVAGEILRKQIEVNLRGLRESKKSI
;
_entity_poly.pdbx_strand_id   A,B
#
# COMPACT_ATOMS: atom_id res chain seq x y z
N PRO A 2 16.63 30.78 26.15
CA PRO A 2 16.14 29.53 25.53
C PRO A 2 15.18 29.83 24.39
N CYS A 3 14.80 28.79 23.64
CA CYS A 3 13.88 28.98 22.53
C CYS A 3 12.45 29.05 23.04
N ARG A 4 11.68 29.99 22.49
CA ARG A 4 10.28 30.17 22.85
C ARG A 4 9.55 30.60 21.58
N GLY A 5 8.22 30.45 21.57
CA GLY A 5 7.46 30.86 20.41
C GLY A 5 7.37 29.85 19.28
N LEU A 6 6.86 30.32 18.14
CA LEU A 6 6.67 29.49 16.96
C LEU A 6 7.60 29.93 15.84
N HIS A 7 8.32 28.96 15.27
CA HIS A 7 9.25 29.22 14.18
C HIS A 7 8.83 28.47 12.92
N SER A 8 8.70 29.20 11.82
CA SER A 8 8.31 28.61 10.54
C SER A 8 9.54 28.73 9.65
N ILE A 9 10.18 27.59 9.38
CA ILE A 9 11.42 27.56 8.61
C ILE A 9 11.35 26.92 7.23
N PRO A 10 11.82 27.64 6.19
CA PRO A 10 11.79 27.06 4.85
C PRO A 10 12.78 25.90 4.81
N ALA A 11 12.31 24.73 4.38
CA ALA A 11 13.14 23.54 4.35
C ALA A 11 13.14 22.81 3.02
N GLY A 12 12.92 23.56 1.95
CA GLY A 12 12.91 22.98 0.63
C GLY A 12 14.33 22.92 0.10
N PRO A 13 14.52 22.56 -1.17
CA PRO A 13 15.86 22.49 -1.78
C PRO A 13 16.38 23.89 -2.05
N VAL A 14 17.68 24.02 -2.29
CA VAL A 14 18.26 25.34 -2.53
C VAL A 14 17.57 26.07 -3.70
N GLU A 15 17.04 25.32 -4.65
CA GLU A 15 16.37 25.92 -5.80
C GLU A 15 15.02 26.55 -5.44
N PHE A 16 14.43 26.13 -4.32
CA PHE A 16 13.13 26.64 -3.88
C PHE A 16 12.95 26.33 -2.39
N PRO A 17 13.65 27.08 -1.52
CA PRO A 17 13.58 26.89 -0.06
C PRO A 17 12.18 26.91 0.54
N GLU A 18 11.33 27.80 0.05
CA GLU A 18 9.98 27.92 0.58
C GLU A 18 8.96 26.88 0.11
N ILE A 19 9.37 25.91 -0.69
CA ILE A 19 8.41 24.92 -1.17
C ILE A 19 7.90 24.02 -0.05
N ALA A 20 8.67 23.91 1.02
CA ALA A 20 8.28 23.10 2.17
C ALA A 20 8.61 23.86 3.45
N THR A 21 7.72 23.79 4.43
CA THR A 21 7.93 24.49 5.69
C THR A 21 7.96 23.56 6.88
N VAL A 22 9.00 23.71 7.71
CA VAL A 22 9.11 22.94 8.93
C VAL A 22 8.76 23.88 10.07
N TYR A 23 7.93 23.41 10.99
CA TYR A 23 7.50 24.23 12.12
C TYR A 23 8.12 23.75 13.42
N VAL A 24 8.51 24.70 14.26
CA VAL A 24 9.09 24.37 15.56
C VAL A 24 8.35 25.17 16.62
N CYS A 26 8.32 26.01 20.45
CA CYS A 26 9.16 25.97 21.64
C CYS A 26 8.38 26.23 22.93
N GLY A 27 7.92 25.16 23.56
CA GLY A 27 7.18 25.30 24.81
C GLY A 27 8.10 25.45 26.00
N GLU A 28 7.53 25.67 27.17
CA GLU A 28 8.33 25.83 28.38
C GLU A 28 8.87 24.50 28.89
N LYS A 29 8.23 23.42 28.48
CA LYS A 29 8.66 22.08 28.89
C LYS A 29 9.20 21.24 27.75
N LEU A 30 8.55 21.34 26.58
CA LEU A 30 8.96 20.58 25.42
C LEU A 30 9.11 21.42 24.17
N THR A 31 10.08 21.05 23.34
CA THR A 31 10.34 21.72 22.07
C THR A 31 9.97 20.65 21.03
N VAL A 32 9.05 20.98 20.13
CA VAL A 32 8.61 20.03 19.13
C VAL A 32 8.71 20.55 17.71
N ILE A 34 7.71 19.89 13.62
CA ILE A 34 6.72 19.23 12.78
C ILE A 34 7.33 19.14 11.37
N ASP A 35 7.52 17.90 10.91
CA ASP A 35 8.14 17.58 9.61
C ASP A 35 9.65 17.80 9.70
N ALA A 36 10.39 17.35 8.70
CA ALA A 36 11.84 17.49 8.73
C ALA A 36 12.53 17.85 7.41
N GLY A 37 11.80 18.56 6.54
CA GLY A 37 12.36 19.02 5.27
C GLY A 37 12.72 18.01 4.20
N VAL A 38 13.28 18.50 3.09
CA VAL A 38 13.71 17.62 2.01
C VAL A 38 15.15 17.24 2.33
N SER A 39 15.58 16.08 1.85
CA SER A 39 16.94 15.60 2.10
C SER A 39 18.03 16.58 1.71
N ASN A 40 17.83 17.26 0.59
CA ASN A 40 18.82 18.21 0.09
C ASN A 40 18.69 19.63 0.62
N SER A 41 17.93 19.82 1.68
CA SER A 41 17.75 21.15 2.24
C SER A 41 18.95 21.57 3.09
N ILE A 42 19.27 22.86 3.05
CA ILE A 42 20.38 23.36 3.85
C ILE A 42 19.82 24.15 5.04
N ALA A 43 18.55 23.89 5.37
CA ALA A 43 17.89 24.57 6.47
C ALA A 43 18.75 24.45 7.72
N ASP A 44 18.87 25.55 8.45
CA ASP A 44 19.68 25.57 9.67
C ASP A 44 18.83 25.73 10.92
N PHE A 45 18.87 24.71 11.78
CA PHE A 45 18.08 24.71 13.02
C PHE A 45 18.95 24.91 14.26
N SER A 46 20.16 25.44 14.06
CA SER A 46 21.09 25.66 15.16
C SER A 46 20.56 26.61 16.22
N PHE A 47 19.44 27.28 15.93
CA PHE A 47 18.85 28.21 16.90
C PHE A 47 18.18 27.46 18.04
N LEU A 48 18.17 26.14 17.96
CA LEU A 48 17.57 25.30 19.00
C LEU A 48 18.65 24.78 19.94
N ASP A 49 18.38 24.87 21.24
CA ASP A 49 19.32 24.38 22.23
C ASP A 49 19.01 22.91 22.51
N LYS A 50 17.75 22.54 22.32
CA LYS A 50 17.30 21.16 22.52
C LYS A 50 16.07 20.88 21.67
N LEU A 51 15.82 19.61 21.40
CA LEU A 51 14.68 19.20 20.60
C LEU A 51 14.18 17.88 21.18
N ASP A 52 12.95 17.89 21.71
CA ASP A 52 12.37 16.71 22.32
C ASP A 52 11.69 15.74 21.37
N TYR A 53 10.88 16.27 20.46
CA TYR A 53 10.15 15.44 19.51
C TYR A 53 10.12 16.02 18.10
N ILE A 54 10.11 15.14 17.12
CA ILE A 54 9.98 15.53 15.72
C ILE A 54 8.77 14.73 15.26
N VAL A 55 7.66 15.42 15.01
CA VAL A 55 6.46 14.73 14.55
C VAL A 55 6.42 14.72 13.04
N LEU A 56 6.30 13.54 12.45
CA LEU A 56 6.25 13.42 11.01
C LEU A 56 4.79 13.38 10.58
N THR A 57 4.36 14.39 9.82
CA THR A 57 2.96 14.38 9.37
C THR A 57 2.77 13.15 8.51
N HIS A 58 3.80 12.78 7.75
CA HIS A 58 3.78 11.56 6.94
C HIS A 58 5.16 11.20 6.42
N LEU A 59 5.28 10.02 5.84
CA LEU A 59 6.58 9.54 5.37
C LEU A 59 7.00 9.78 3.94
N HIS A 60 6.44 10.80 3.29
CA HIS A 60 6.88 11.09 1.93
C HIS A 60 8.26 11.74 2.11
N ILE A 61 9.15 11.52 1.14
CA ILE A 61 10.52 12.02 1.26
C ILE A 61 10.73 13.50 1.53
N ASP A 62 9.80 14.35 1.10
CA ASP A 62 9.94 15.78 1.32
C ASP A 62 9.58 16.25 2.73
N HIS A 63 9.29 15.29 3.62
CA HIS A 63 8.93 15.62 5.01
C HIS A 63 9.80 14.92 6.04
N ILE A 64 10.76 14.12 5.57
CA ILE A 64 11.61 13.37 6.50
C ILE A 64 13.09 13.46 6.17
N GLY A 65 13.44 14.32 5.21
CA GLY A 65 14.82 14.44 4.77
C GLY A 65 15.98 14.69 5.73
N LEU A 66 15.81 15.58 6.69
CA LEU A 66 16.90 15.91 7.61
C LEU A 66 16.97 15.09 8.90
N LEU A 67 16.14 14.06 9.02
CA LEU A 67 16.15 13.25 10.22
C LEU A 67 17.49 12.64 10.62
N PRO A 68 18.26 12.12 9.64
CA PRO A 68 19.56 11.54 10.01
C PRO A 68 20.45 12.49 10.79
N GLU A 69 20.59 13.71 10.29
CA GLU A 69 21.42 14.71 10.95
C GLU A 69 20.79 15.21 12.26
N LEU A 70 19.49 15.48 12.21
CA LEU A 70 18.79 15.96 13.40
C LEU A 70 18.87 15.00 14.58
N LEU A 71 18.80 13.70 14.30
CA LEU A 71 18.85 12.71 15.37
C LEU A 71 20.24 12.50 15.95
N GLN A 72 21.25 13.10 15.33
CA GLN A 72 22.61 13.00 15.85
C GLN A 72 22.94 14.24 16.68
N VAL A 73 22.41 15.38 16.26
CA VAL A 73 22.66 16.62 16.96
C VAL A 73 21.78 16.76 18.22
N TYR A 74 20.54 16.29 18.12
CA TYR A 74 19.61 16.37 19.25
C TYR A 74 19.20 15.01 19.78
N LYS A 75 18.69 15.00 21.00
CA LYS A 75 18.25 13.77 21.65
C LYS A 75 16.78 13.54 21.37
N ALA A 76 16.30 14.11 20.27
CA ALA A 76 14.90 14.00 19.90
C ALA A 76 14.43 12.59 19.55
N LYS A 77 13.13 12.36 19.74
CA LYS A 77 12.51 11.09 19.39
C LYS A 77 11.58 11.45 18.23
N VAL A 78 11.48 10.57 17.25
CA VAL A 78 10.61 10.81 16.11
C VAL A 78 9.28 10.14 16.38
N LEU A 79 8.18 10.84 16.13
CA LEU A 79 6.86 10.26 16.33
C LEU A 79 6.31 9.98 14.94
N VAL A 80 5.90 8.73 14.71
CA VAL A 80 5.37 8.33 13.41
C VAL A 80 4.13 7.45 13.58
N LYS A 81 3.21 7.52 12.64
CA LYS A 81 1.99 6.72 12.71
C LYS A 81 2.34 5.24 12.89
N SER A 82 1.70 4.58 13.84
CA SER A 82 1.99 3.17 14.11
C SER A 82 1.78 2.30 12.86
N GLY A 83 2.69 1.36 12.69
CA GLY A 83 2.64 0.46 11.56
C GLY A 83 3.63 0.85 10.46
N PHE A 84 4.24 2.01 10.60
CA PHE A 84 5.17 2.48 9.57
C PHE A 84 6.62 2.70 10.00
N LYS A 85 6.91 2.44 11.27
CA LYS A 85 8.26 2.61 11.78
C LYS A 85 9.32 1.87 10.96
N LYS A 86 9.00 0.66 10.49
CA LYS A 86 9.97 -0.13 9.73
C LYS A 86 10.45 0.51 8.43
N TYR A 87 9.68 1.44 7.88
CA TYR A 87 10.10 2.10 6.65
C TYR A 87 11.26 3.05 6.91
N LEU A 88 11.48 3.40 8.17
CA LEU A 88 12.56 4.32 8.54
C LEU A 88 13.75 3.65 9.22
N THR A 89 13.54 2.46 9.75
CA THR A 89 14.60 1.78 10.49
C THR A 89 15.33 0.62 9.84
N SER A 90 15.05 0.35 8.56
CA SER A 90 15.71 -0.75 7.87
C SER A 90 16.07 -0.37 6.45
N GLU A 91 17.05 -1.05 5.88
CA GLU A 91 17.49 -0.79 4.52
C GLU A 91 16.38 -1.10 3.53
N ASP A 92 15.66 -2.19 3.77
CA ASP A 92 14.58 -2.57 2.87
C ASP A 92 13.43 -1.55 2.96
N GLY A 93 13.26 -0.97 4.14
CA GLY A 93 12.21 0.02 4.33
C GLY A 93 12.53 1.28 3.55
N LEU A 94 13.76 1.76 3.68
CA LEU A 94 14.19 2.96 2.97
C LEU A 94 14.11 2.75 1.47
N LYS A 95 14.50 1.56 1.02
CA LYS A 95 14.47 1.26 -0.40
C LYS A 95 13.06 1.39 -0.97
N LYS A 96 12.06 0.97 -0.20
CA LYS A 96 10.67 1.06 -0.64
C LYS A 96 10.21 2.51 -0.65
N LEU A 97 10.60 3.28 0.36
CA LEU A 97 10.21 4.69 0.41
C LEU A 97 10.77 5.42 -0.79
N ASN A 98 12.06 5.21 -1.07
CA ASN A 98 12.68 5.87 -2.21
C ASN A 98 12.14 5.37 -3.54
N GLU A 99 11.83 4.07 -3.60
CA GLU A 99 11.29 3.48 -4.83
C GLU A 99 9.98 4.16 -5.22
N SER A 100 9.06 4.24 -4.26
CA SER A 100 7.76 4.85 -4.52
C SER A 100 7.91 6.34 -4.82
N ALA A 101 8.85 7.00 -4.14
CA ALA A 101 9.06 8.42 -4.35
C ALA A 101 9.53 8.69 -5.77
N GLU A 102 10.54 7.96 -6.21
CA GLU A 102 11.08 8.12 -7.55
C GLU A 102 10.04 7.85 -8.64
N LYS A 103 9.21 6.83 -8.43
CA LYS A 103 8.19 6.48 -9.41
C LYS A 103 7.16 7.60 -9.55
N VAL A 104 6.79 8.21 -8.44
CA VAL A 104 5.80 9.28 -8.43
C VAL A 104 6.36 10.65 -8.82
N LEU A 105 7.54 10.97 -8.30
CA LEU A 105 8.16 12.28 -8.53
C LEU A 105 9.02 12.48 -9.77
N GLY A 106 9.58 11.41 -10.32
CA GLY A 106 10.43 11.57 -11.48
C GLY A 106 11.63 12.44 -11.13
N ASP A 107 11.91 13.43 -11.96
CA ASP A 107 13.04 14.34 -11.74
C ASP A 107 13.04 15.00 -10.37
N LEU A 108 11.85 15.27 -9.83
CA LEU A 108 11.76 15.92 -8.52
C LEU A 108 12.40 15.08 -7.43
N TYR A 109 12.47 13.76 -7.64
CA TYR A 109 13.08 12.87 -6.67
C TYR A 109 14.51 13.30 -6.40
N TYR A 110 15.23 13.65 -7.44
CA TYR A 110 16.61 14.07 -7.32
C TYR A 110 16.73 15.50 -6.79
N VAL A 111 15.72 16.32 -7.06
CA VAL A 111 15.73 17.70 -6.58
C VAL A 111 15.58 17.70 -5.05
N TYR A 112 14.55 17.00 -4.55
CA TYR A 112 14.32 16.94 -3.11
C TYR A 112 15.37 16.06 -2.43
N GLY A 113 15.70 14.94 -3.08
CA GLY A 113 16.68 14.03 -2.52
C GLY A 113 16.06 12.84 -1.82
N GLY A 114 16.55 11.64 -2.15
CA GLY A 114 16.02 10.45 -1.51
C GLY A 114 16.60 10.25 -0.14
N LEU A 115 16.18 9.18 0.52
CA LEU A 115 16.68 8.85 1.85
C LEU A 115 17.93 7.99 1.67
N GLU A 116 18.98 8.29 2.44
CA GLU A 116 20.20 7.50 2.30
C GLU A 116 20.65 6.79 3.57
N LYS A 117 20.13 7.22 4.72
CA LYS A 117 20.51 6.57 5.98
C LYS A 117 19.32 6.19 6.82
N LYS A 118 19.28 4.94 7.26
CA LYS A 118 18.19 4.47 8.11
C LYS A 118 18.36 5.06 9.49
N LEU A 119 17.29 5.09 10.28
CA LEU A 119 17.34 5.64 11.62
C LEU A 119 17.40 4.54 12.67
N ASP A 120 17.97 4.87 13.84
CA ASP A 120 18.04 3.90 14.93
C ASP A 120 16.62 3.65 15.42
N GLN A 121 16.27 2.37 15.59
CA GLN A 121 14.93 2.02 16.02
C GLN A 121 14.53 2.62 17.37
N ASP A 122 15.50 2.79 18.27
CA ASP A 122 15.20 3.34 19.59
C ASP A 122 14.90 4.84 19.57
N LYS A 123 15.09 5.48 18.42
CA LYS A 123 14.82 6.91 18.29
C LYS A 123 13.47 7.16 17.62
N VAL A 124 12.80 6.09 17.21
CA VAL A 124 11.50 6.19 16.56
C VAL A 124 10.39 5.59 17.41
N ILE A 125 9.39 6.41 17.73
CA ILE A 125 8.27 5.96 18.54
C ILE A 125 6.98 5.98 17.73
N GLU A 126 6.29 4.85 17.71
CA GLU A 126 5.03 4.77 16.98
C GLU A 126 3.91 5.30 17.86
N VAL A 127 3.00 6.06 17.24
CA VAL A 127 1.87 6.63 17.95
C VAL A 127 0.59 6.33 17.19
N GLU A 128 -0.53 6.32 17.90
CA GLU A 128 -1.82 6.03 17.30
C GLU A 128 -2.36 7.21 16.50
N GLY A 129 -1.95 8.41 16.88
CA GLY A 129 -2.41 9.60 16.20
C GLY A 129 -3.48 10.35 16.97
N ASN A 130 -3.55 10.13 18.27
CA ASN A 130 -4.53 10.81 19.11
C ASN A 130 -3.91 11.20 20.44
N GLU A 131 -2.59 11.02 20.55
CA GLU A 131 -1.86 11.36 21.78
C GLU A 131 -1.86 12.85 22.07
N GLU A 132 -1.85 13.17 23.36
CA GLU A 132 -1.83 14.57 23.80
C GLU A 132 -0.54 14.82 24.58
N PHE A 133 0.02 16.02 24.43
CA PHE A 133 1.26 16.39 25.09
C PHE A 133 1.18 17.78 25.69
N ASP A 134 1.74 17.94 26.89
CA ASP A 134 1.77 19.23 27.56
C ASP A 134 3.14 19.81 27.21
N LEU A 135 3.16 20.81 26.33
CA LEU A 135 4.41 21.42 25.91
C LEU A 135 4.93 22.44 26.92
N GLY A 136 4.10 22.76 27.90
CA GLY A 136 4.48 23.75 28.90
C GLY A 136 3.98 25.10 28.46
N GLY A 137 2.72 25.41 28.78
CA GLY A 137 2.13 26.68 28.38
C GLY A 137 1.34 26.54 27.10
N TYR A 138 1.41 25.35 26.49
CA TYR A 138 0.72 25.07 25.24
C TYR A 138 0.36 23.58 25.24
N ARG A 139 -0.78 23.24 24.64
CA ARG A 139 -1.23 21.85 24.57
C ARG A 139 -1.19 21.34 23.14
N ARG A 141 -1.96 18.07 20.45
CA ARG A 141 -2.77 16.88 20.22
C ARG A 141 -2.57 16.39 18.80
N LEU A 142 -2.27 15.10 18.65
CA LEU A 142 -2.08 14.53 17.33
C LEU A 142 -3.46 14.13 16.82
N ILE A 143 -3.61 14.10 15.50
CA ILE A 143 -4.87 13.73 14.87
C ILE A 143 -4.56 12.88 13.64
N TYR A 144 -5.09 11.67 13.61
CA TYR A 144 -4.85 10.80 12.47
C TYR A 144 -5.68 11.33 11.30
N THR A 145 -5.00 11.64 10.20
CA THR A 145 -5.65 12.19 9.02
C THR A 145 -5.27 11.48 7.72
N PRO A 146 -5.68 10.20 7.58
CA PRO A 146 -5.36 9.44 6.38
C PRO A 146 -6.07 9.99 5.15
N GLY A 147 -5.63 9.55 3.97
CA GLY A 147 -6.21 10.00 2.72
C GLY A 147 -5.07 10.33 1.79
N HIS A 148 -4.23 11.28 2.22
CA HIS A 148 -3.07 11.66 1.44
C HIS A 148 -2.13 10.45 1.45
N ALA A 149 -2.08 9.79 2.61
CA ALA A 149 -1.27 8.59 2.81
C ALA A 149 -1.82 7.89 4.05
N ARG A 150 -1.61 6.58 4.13
CA ARG A 150 -2.10 5.82 5.27
C ARG A 150 -1.34 6.19 6.54
N HIS A 151 -0.18 6.82 6.37
CA HIS A 151 0.64 7.21 7.50
C HIS A 151 0.55 8.70 7.83
N HIS A 152 -0.45 9.37 7.29
CA HIS A 152 -0.59 10.80 7.54
C HIS A 152 -1.29 11.20 8.83
N SER A 154 -1.98 14.85 11.46
CA SER A 154 -1.93 16.31 11.56
C SER A 154 -1.64 16.64 13.02
N VAL A 155 -1.29 17.90 13.28
CA VAL A 155 -0.95 18.31 14.64
C VAL A 155 -1.66 19.57 15.08
N LEU A 156 -2.33 19.51 16.22
CA LEU A 156 -3.02 20.65 16.76
C LEU A 156 -2.28 21.17 18.00
N VAL A 157 -1.83 22.42 17.96
CA VAL A 157 -1.17 23.03 19.12
C VAL A 157 -2.08 24.20 19.48
N ASP A 158 -2.81 24.04 20.57
CA ASP A 158 -3.80 25.03 21.01
C ASP A 158 -4.78 25.19 19.83
N ASP A 159 -4.86 26.38 19.25
CA ASP A 159 -5.77 26.55 18.12
C ASP A 159 -5.07 26.70 16.77
N PHE A 160 -3.83 26.21 16.71
CA PHE A 160 -3.03 26.21 15.49
C PHE A 160 -3.10 24.78 14.95
N LEU A 161 -3.46 24.62 13.69
CA LEU A 161 -3.53 23.29 13.10
C LEU A 161 -2.51 23.14 11.97
N PHE A 162 -1.58 22.20 12.15
CA PHE A 162 -0.54 21.91 11.16
C PHE A 162 -1.05 20.68 10.41
N THR A 163 -1.44 20.90 9.16
CA THR A 163 -2.06 19.87 8.33
C THR A 163 -1.21 18.99 7.42
N GLY A 164 0.11 19.21 7.38
CA GLY A 164 0.93 18.41 6.50
C GLY A 164 0.43 18.56 5.08
N ASP A 165 0.10 17.44 4.43
CA ASP A 165 -0.40 17.44 3.06
C ASP A 165 -1.84 16.93 3.00
N SER A 166 -2.59 17.11 4.07
CA SER A 166 -3.97 16.61 4.11
C SER A 166 -5.03 17.67 3.87
N ALA A 167 -4.65 18.94 3.78
CA ALA A 167 -5.64 19.99 3.62
C ALA A 167 -5.33 21.05 2.56
N GLY A 168 -4.42 20.72 1.65
CA GLY A 168 -4.06 21.63 0.58
C GLY A 168 -2.68 22.24 0.66
N ALA A 169 -2.30 22.92 -0.42
CA ALA A 169 -1.02 23.63 -0.52
C ALA A 169 -1.41 25.03 -0.99
N TYR A 170 -0.52 26.00 -0.82
CA TYR A 170 -0.85 27.37 -1.21
C TYR A 170 0.37 28.19 -1.59
N PHE A 171 0.42 28.64 -2.84
CA PHE A 171 1.54 29.44 -3.30
C PHE A 171 1.08 30.64 -4.09
N ASN A 172 1.59 31.81 -3.70
CA ASN A 172 1.25 33.06 -4.36
C ASN A 172 -0.25 33.25 -4.53
N GLY A 173 -1.00 33.02 -3.45
CA GLY A 173 -2.44 33.20 -3.50
C GLY A 173 -3.22 32.16 -4.27
N VAL A 174 -2.58 31.05 -4.63
CA VAL A 174 -3.24 29.99 -5.39
C VAL A 174 -3.31 28.66 -4.63
N VAL A 175 -4.51 28.12 -4.49
CA VAL A 175 -4.71 26.86 -3.80
C VAL A 175 -4.33 25.69 -4.71
N ILE A 176 -3.45 24.83 -4.22
CA ILE A 176 -2.97 23.67 -4.96
C ILE A 176 -3.35 22.39 -4.22
N PRO A 177 -3.88 21.39 -4.94
CA PRO A 177 -4.26 20.15 -4.26
C PRO A 177 -3.06 19.28 -3.89
N THR A 178 -3.05 18.79 -2.65
CA THR A 178 -1.99 17.94 -2.16
C THR A 178 -2.45 16.50 -2.39
N THR A 179 -2.56 16.15 -3.67
CA THR A 179 -3.06 14.86 -4.10
C THR A 179 -2.17 14.05 -5.04
N PRO A 180 -0.89 13.85 -4.69
CA PRO A 180 -0.06 13.08 -5.61
C PRO A 180 -0.53 11.62 -5.59
N PRO A 181 -0.18 10.84 -6.62
CA PRO A 181 -0.59 9.43 -6.63
C PRO A 181 0.05 8.73 -5.43
N VAL A 182 -0.71 7.92 -4.69
CA VAL A 182 -2.12 7.66 -4.95
C VAL A 182 -2.86 7.97 -3.66
N ILE A 183 -3.93 8.75 -3.74
CA ILE A 183 -4.68 9.09 -2.55
C ILE A 183 -5.96 8.29 -2.40
N ASP A 184 -6.41 8.15 -1.16
CA ASP A 184 -7.66 7.46 -0.85
C ASP A 184 -8.66 8.61 -0.82
N TYR A 185 -9.34 8.84 -1.94
CA TYR A 185 -10.30 9.93 -2.06
C TYR A 185 -11.29 10.06 -0.89
N LYS A 186 -11.97 8.98 -0.56
CA LYS A 186 -12.96 9.00 0.52
C LYS A 186 -12.35 9.36 1.87
N TYR A 188 -9.51 10.90 2.35
CA TYR A 188 -8.97 12.25 2.20
C TYR A 188 -10.04 13.28 2.49
N GLU A 190 -12.83 12.86 4.19
CA GLU A 190 -13.26 12.76 5.58
C GLU A 190 -12.29 13.50 6.50
N SER A 191 -10.98 13.29 6.28
CA SER A 191 -9.97 13.95 7.11
C SER A 191 -9.97 15.46 6.90
N LEU A 192 -10.23 15.89 5.67
CA LEU A 192 -10.28 17.32 5.37
C LEU A 192 -11.48 17.96 6.08
N LYS A 193 -12.63 17.31 6.02
CA LYS A 193 -13.82 17.84 6.67
C LYS A 193 -13.62 17.89 8.18
N ARG A 194 -13.02 16.84 8.73
CA ARG A 194 -12.77 16.78 10.17
C ARG A 194 -11.91 17.94 10.64
N GLN A 195 -10.91 18.29 9.84
CA GLN A 195 -10.03 19.39 10.20
C GLN A 195 -10.71 20.75 10.08
N ILE A 196 -11.54 20.92 9.06
CA ILE A 196 -12.26 22.17 8.89
C ILE A 196 -13.17 22.33 10.12
N GLU A 197 -13.74 21.23 10.58
CA GLU A 197 -14.63 21.25 11.73
C GLU A 197 -13.94 21.58 13.06
N LEU A 198 -12.62 21.43 13.11
CA LEU A 198 -11.88 21.75 14.33
C LEU A 198 -11.81 23.26 14.55
N LYS A 199 -12.13 24.00 13.49
CA LYS A 199 -12.13 25.45 13.54
C LYS A 199 -10.89 26.08 14.16
N PRO A 200 -9.70 25.79 13.61
CA PRO A 200 -8.47 26.36 14.16
C PRO A 200 -8.45 27.86 13.81
N LYS A 201 -7.59 28.65 14.45
CA LYS A 201 -7.54 30.07 14.13
C LYS A 201 -6.57 30.29 12.97
N VAL A 202 -5.55 29.44 12.88
CA VAL A 202 -4.56 29.53 11.81
C VAL A 202 -4.16 28.13 11.42
N VAL A 203 -3.83 27.93 10.15
CA VAL A 203 -3.41 26.64 9.64
C VAL A 203 -1.99 26.71 9.12
N GLY A 204 -1.22 25.67 9.37
CA GLY A 204 0.16 25.62 8.90
C GLY A 204 0.29 24.53 7.86
N PHE A 205 0.30 24.92 6.58
CA PHE A 205 0.45 23.98 5.48
C PHE A 205 1.92 23.57 5.41
N ALA A 206 2.19 22.33 5.00
CA ALA A 206 3.57 21.90 4.85
C ALA A 206 4.11 22.62 3.61
N HIS A 207 3.23 22.79 2.62
CA HIS A 207 3.61 23.46 1.38
C HIS A 207 2.81 24.75 1.22
N GLY A 208 3.44 25.86 1.57
CA GLY A 208 2.78 27.15 1.48
C GLY A 208 2.85 27.93 2.78
N GLY A 209 3.23 27.25 3.86
CA GLY A 209 3.34 27.92 5.14
C GLY A 209 2.02 28.19 5.82
N LEU A 210 1.99 29.26 6.61
CA LEU A 210 0.79 29.64 7.35
C LEU A 210 -0.28 30.21 6.42
N VAL A 211 -1.53 29.79 6.63
CA VAL A 211 -2.65 30.24 5.81
C VAL A 211 -3.90 30.36 6.68
N SER A 212 -4.93 31.01 6.16
CA SER A 212 -6.16 31.14 6.94
C SER A 212 -6.91 29.82 6.83
N PRO A 213 -7.73 29.49 7.84
CA PRO A 213 -8.49 28.23 7.81
C PRO A 213 -9.38 28.15 6.57
N LYS A 214 -9.79 29.31 6.06
CA LYS A 214 -10.66 29.38 4.89
C LYS A 214 -10.05 28.67 3.69
N ILE A 215 -8.72 28.68 3.60
CA ILE A 215 -8.06 28.02 2.48
C ILE A 215 -8.41 26.54 2.43
N GLU A 217 -11.23 25.22 3.16
CA GLU A 217 -12.57 25.14 2.55
C GLU A 217 -12.49 25.36 1.06
N GLU A 218 -11.58 26.22 0.63
CA GLU A 218 -11.40 26.48 -0.79
C GLU A 218 -10.84 25.21 -1.44
N HIS A 219 -9.97 24.52 -0.71
CA HIS A 219 -9.39 23.29 -1.24
C HIS A 219 -10.47 22.22 -1.32
N LEU A 220 -11.36 22.17 -0.33
CA LEU A 220 -12.44 21.19 -0.35
C LEU A 220 -13.29 21.39 -1.61
N LYS A 221 -13.62 22.65 -1.90
CA LYS A 221 -14.42 22.96 -3.07
C LYS A 221 -13.68 22.51 -4.32
N GLN A 222 -12.37 22.77 -4.32
CA GLN A 222 -11.50 22.39 -5.42
C GLN A 222 -11.59 20.89 -5.67
N LEU A 224 -14.15 19.01 -5.05
CA LEU A 224 -15.50 18.67 -5.47
C LEU A 224 -15.85 19.11 -6.89
N SER A 225 -14.95 19.83 -7.54
CA SER A 225 -15.20 20.31 -8.89
C SER A 225 -15.49 19.20 -9.90
N LYS A 226 -16.55 19.37 -10.68
CA LYS A 226 -16.90 18.40 -11.71
C LYS A 226 -15.95 18.59 -12.88
N GLU A 227 -15.53 19.83 -13.09
CA GLU A 227 -14.62 20.16 -14.17
C GLU A 227 -13.21 19.73 -13.77
N GLU A 228 -12.38 19.39 -14.75
CA GLU A 228 -11.01 18.99 -14.45
C GLU A 228 -10.27 20.19 -13.87
N ILE A 229 -9.64 19.99 -12.73
CA ILE A 229 -8.89 21.07 -12.09
C ILE A 229 -7.66 21.42 -12.92
N GLN A 230 -7.50 22.70 -13.20
CA GLN A 230 -6.35 23.17 -13.97
C GLN A 230 -5.78 24.40 -13.27
N ILE A 231 -4.54 24.29 -12.82
CA ILE A 231 -3.87 25.35 -12.09
C ILE A 231 -2.70 26.01 -12.80
N ASN A 232 -2.53 27.30 -12.54
CA ASN A 232 -1.45 28.08 -13.14
C ASN A 232 -0.92 29.03 -12.06
N VAL A 233 0.37 28.94 -11.77
CA VAL A 233 0.98 29.79 -10.75
C VAL A 233 1.98 30.77 -11.35
N ASP A 234 1.87 32.03 -10.95
CA ASP A 234 2.74 33.08 -11.45
C ASP A 234 4.09 33.06 -10.74
N ILE A 235 4.98 32.20 -11.22
CA ILE A 235 6.31 32.08 -10.64
C ILE A 235 7.29 31.71 -11.75
N GLY A 236 8.49 32.29 -11.71
CA GLY A 236 9.47 32.01 -12.74
C GLY A 236 10.73 31.34 -12.23
N GLY A 237 11.72 31.21 -13.11
CA GLY A 237 12.97 30.60 -12.72
C GLY A 237 12.85 29.11 -12.49
N VAL A 238 13.88 28.54 -11.88
CA VAL A 238 13.89 27.11 -11.59
C VAL A 238 12.79 26.78 -10.58
N ALA A 239 12.58 27.68 -9.64
CA ALA A 239 11.55 27.49 -8.62
C ALA A 239 10.21 27.27 -9.29
N GLY A 240 9.92 28.10 -10.29
CA GLY A 240 8.66 27.99 -11.00
C GLY A 240 8.53 26.66 -11.71
N GLU A 241 9.63 26.17 -12.27
CA GLU A 241 9.62 24.90 -12.99
C GLU A 241 9.41 23.73 -12.03
N ILE A 242 10.04 23.81 -10.86
CA ILE A 242 9.90 22.76 -9.85
C ILE A 242 8.44 22.70 -9.40
N LEU A 243 7.86 23.86 -9.13
CA LEU A 243 6.48 23.91 -8.69
C LEU A 243 5.53 23.39 -9.76
N ARG A 244 5.78 23.75 -11.02
CA ARG A 244 4.93 23.29 -12.11
C ARG A 244 4.97 21.77 -12.23
N LYS A 245 6.15 21.19 -12.07
CA LYS A 245 6.29 19.74 -12.14
C LYS A 245 5.49 19.09 -11.02
N GLN A 246 5.63 19.64 -9.80
CA GLN A 246 4.91 19.10 -8.65
C GLN A 246 3.40 19.22 -8.86
N ILE A 247 2.96 20.36 -9.39
CA ILE A 247 1.54 20.56 -9.64
C ILE A 247 1.02 19.50 -10.62
N GLU A 248 1.80 19.19 -11.65
CA GLU A 248 1.38 18.19 -12.63
C GLU A 248 1.22 16.81 -11.96
N VAL A 249 2.13 16.50 -11.05
CA VAL A 249 2.07 15.22 -10.34
C VAL A 249 0.79 15.16 -9.51
N ASN A 250 0.51 16.25 -8.81
CA ASN A 250 -0.68 16.33 -7.95
C ASN A 250 -1.98 16.31 -8.74
N LEU A 251 -2.00 16.95 -9.91
CA LEU A 251 -3.22 16.94 -10.71
C LEU A 251 -3.46 15.55 -11.27
N ARG A 252 -2.38 14.83 -11.57
CA ARG A 252 -2.49 13.47 -12.09
C ARG A 252 -3.11 12.62 -10.98
N GLY A 253 -2.58 12.75 -9.77
CA GLY A 253 -3.10 11.99 -8.64
C GLY A 253 -4.57 12.27 -8.41
N LEU A 254 -4.97 13.54 -8.52
CA LEU A 254 -6.37 13.91 -8.31
C LEU A 254 -7.25 13.25 -9.37
N ARG A 255 -6.85 13.33 -10.63
CA ARG A 255 -7.62 12.73 -11.72
C ARG A 255 -7.81 11.24 -11.51
N GLU A 256 -6.74 10.56 -11.14
CA GLU A 256 -6.80 9.13 -10.93
C GLU A 256 -7.62 8.75 -9.71
N SER A 257 -7.58 9.58 -8.67
CA SER A 257 -8.34 9.29 -7.45
C SER A 257 -9.84 9.33 -7.71
N LYS A 258 -10.26 10.18 -8.64
CA LYS A 258 -11.68 10.30 -8.97
C LYS A 258 -12.20 9.10 -9.74
N LYS A 259 -11.31 8.39 -10.42
CA LYS A 259 -11.71 7.21 -11.20
C LYS A 259 -11.85 5.98 -10.32
N SER A 260 -11.26 6.01 -9.14
CA SER A 260 -11.32 4.88 -8.22
C SER A 260 -12.76 4.66 -7.75
N PRO B 2 6.72 -38.32 7.99
CA PRO B 2 6.64 -37.40 6.84
C PRO B 2 5.32 -36.66 6.83
N CYS B 3 5.20 -35.68 5.93
CA CYS B 3 3.97 -34.91 5.83
C CYS B 3 2.88 -35.71 5.12
N ARG B 4 1.67 -35.62 5.62
CA ARG B 4 0.51 -36.29 5.04
C ARG B 4 -0.70 -35.39 5.27
N GLY B 5 -1.76 -35.59 4.50
CA GLY B 5 -2.95 -34.79 4.68
C GLY B 5 -2.97 -33.47 3.94
N LEU B 6 -3.95 -32.65 4.30
CA LEU B 6 -4.17 -31.34 3.69
C LEU B 6 -3.92 -30.24 4.70
N HIS B 7 -3.08 -29.28 4.33
CA HIS B 7 -2.74 -28.18 5.20
C HIS B 7 -3.19 -26.87 4.59
N SER B 8 -3.96 -26.10 5.35
CA SER B 8 -4.51 -24.81 4.91
C SER B 8 -3.81 -23.74 5.75
N ILE B 9 -2.86 -23.04 5.13
CA ILE B 9 -2.03 -22.07 5.82
C ILE B 9 -2.25 -20.58 5.50
N PRO B 10 -2.48 -19.75 6.52
CA PRO B 10 -2.68 -18.31 6.26
C PRO B 10 -1.36 -17.76 5.74
N ALA B 11 -1.41 -17.07 4.60
CA ALA B 11 -0.20 -16.57 3.98
C ALA B 11 -0.27 -15.10 3.61
N GLY B 12 -1.08 -14.35 4.35
CA GLY B 12 -1.21 -12.93 4.08
C GLY B 12 -0.14 -12.15 4.81
N PRO B 13 -0.21 -10.81 4.79
CA PRO B 13 0.78 -9.98 5.48
C PRO B 13 0.53 -10.04 6.98
N VAL B 14 1.47 -9.53 7.77
CA VAL B 14 1.31 -9.54 9.22
C VAL B 14 0.05 -8.80 9.65
N GLU B 15 -0.37 -7.81 8.86
CA GLU B 15 -1.57 -7.05 9.20
C GLU B 15 -2.86 -7.85 9.04
N PHE B 16 -2.82 -8.92 8.24
CA PHE B 16 -4.01 -9.74 8.02
C PHE B 16 -3.58 -11.09 7.44
N PRO B 17 -3.02 -11.97 8.29
CA PRO B 17 -2.57 -13.29 7.84
C PRO B 17 -3.58 -14.11 7.05
N GLU B 18 -4.82 -14.11 7.50
CA GLU B 18 -5.85 -14.89 6.83
C GLU B 18 -6.42 -14.33 5.53
N ILE B 19 -5.88 -13.22 5.05
CA ILE B 19 -6.42 -12.66 3.81
C ILE B 19 -6.14 -13.53 2.60
N ALA B 20 -5.10 -14.36 2.68
CA ALA B 20 -4.77 -15.28 1.59
C ALA B 20 -4.42 -16.63 2.20
N THR B 21 -4.81 -17.70 1.52
CA THR B 21 -4.54 -19.05 2.00
C THR B 21 -3.73 -19.88 1.01
N VAL B 22 -2.70 -20.54 1.52
CA VAL B 22 -1.87 -21.41 0.70
C VAL B 22 -2.23 -22.82 1.14
N TYR B 23 -2.43 -23.70 0.17
CA TYR B 23 -2.79 -25.08 0.47
C TYR B 23 -1.64 -26.01 0.15
N VAL B 24 -1.45 -27.02 1.00
CA VAL B 24 -0.41 -27.99 0.76
C VAL B 24 -1.03 -29.37 0.88
N CYS B 26 -0.16 -33.21 0.91
CA CYS B 26 0.93 -34.14 1.08
C CYS B 26 0.57 -35.58 0.71
N GLY B 27 0.81 -35.94 -0.55
CA GLY B 27 0.51 -37.28 -1.01
C GLY B 27 1.59 -38.25 -0.61
N GLU B 28 1.42 -39.53 -0.93
CA GLU B 28 2.41 -40.55 -0.60
C GLU B 28 3.60 -40.50 -1.56
N LYS B 29 3.38 -39.93 -2.74
CA LYS B 29 4.45 -39.83 -3.73
C LYS B 29 4.88 -38.40 -3.97
N LEU B 30 3.92 -37.48 -4.01
CA LEU B 30 4.22 -36.08 -4.26
C LEU B 30 3.60 -35.14 -3.25
N THR B 31 4.32 -34.05 -2.96
CA THR B 31 3.86 -33.01 -2.05
C THR B 31 3.67 -31.80 -2.95
N VAL B 32 2.45 -31.25 -2.96
CA VAL B 32 2.16 -30.11 -3.81
C VAL B 32 1.59 -28.93 -3.05
N ILE B 34 -0.33 -25.14 -3.42
CA ILE B 34 -1.15 -24.35 -4.32
C ILE B 34 -1.02 -22.90 -3.86
N ASP B 35 -0.49 -22.05 -4.74
CA ASP B 35 -0.23 -20.64 -4.48
C ASP B 35 1.00 -20.51 -3.58
N ALA B 36 1.53 -19.29 -3.45
CA ALA B 36 2.73 -19.10 -2.65
C ALA B 36 2.75 -17.84 -1.78
N GLY B 37 1.56 -17.37 -1.43
CA GLY B 37 1.40 -16.22 -0.54
C GLY B 37 1.84 -14.86 -1.01
N VAL B 38 1.71 -13.88 -0.11
CA VAL B 38 2.11 -12.52 -0.43
C VAL B 38 3.59 -12.43 -0.06
N SER B 39 4.31 -11.54 -0.73
CA SER B 39 5.74 -11.39 -0.50
C SER B 39 6.12 -11.06 0.95
N ASN B 40 5.30 -10.27 1.63
CA ASN B 40 5.59 -9.88 3.00
C ASN B 40 5.03 -10.83 4.07
N SER B 41 4.63 -12.03 3.67
CA SER B 41 4.09 -12.98 4.64
C SER B 41 5.18 -13.65 5.45
N ILE B 42 4.90 -13.91 6.72
CA ILE B 42 5.86 -14.60 7.57
C ILE B 42 5.41 -16.05 7.72
N ALA B 43 4.57 -16.51 6.80
CA ALA B 43 4.09 -17.90 6.83
C ALA B 43 5.28 -18.84 6.94
N ASP B 44 5.15 -19.85 7.80
CA ASP B 44 6.23 -20.80 8.04
C ASP B 44 5.84 -22.19 7.52
N PHE B 45 6.55 -22.66 6.50
CA PHE B 45 6.27 -23.97 5.92
C PHE B 45 7.27 -25.03 6.37
N SER B 46 7.85 -24.83 7.55
CA SER B 46 8.84 -25.76 8.10
C SER B 46 8.30 -27.18 8.33
N PHE B 47 6.99 -27.32 8.40
CA PHE B 47 6.40 -28.65 8.60
C PHE B 47 6.58 -29.53 7.37
N LEU B 48 7.26 -28.98 6.36
CA LEU B 48 7.51 -29.71 5.12
C LEU B 48 8.95 -30.21 5.04
N ASP B 49 9.12 -31.50 4.82
CA ASP B 49 10.45 -32.08 4.69
C ASP B 49 10.86 -31.98 3.22
N LYS B 50 9.87 -31.94 2.34
CA LYS B 50 10.11 -31.82 0.90
C LYS B 50 8.91 -31.20 0.20
N LEU B 51 9.14 -30.67 -0.99
CA LEU B 51 8.09 -30.02 -1.76
C LEU B 51 8.40 -30.26 -3.24
N ASP B 52 7.54 -30.99 -3.92
CA ASP B 52 7.75 -31.33 -5.32
C ASP B 52 7.26 -30.31 -6.33
N TYR B 53 6.07 -29.78 -6.12
CA TYR B 53 5.50 -28.79 -7.03
C TYR B 53 4.79 -27.67 -6.31
N ILE B 54 4.84 -26.49 -6.91
CA ILE B 54 4.12 -25.34 -6.40
C ILE B 54 3.29 -24.90 -7.60
N VAL B 55 1.97 -25.08 -7.50
CA VAL B 55 1.08 -24.71 -8.58
C VAL B 55 0.55 -23.30 -8.34
N LEU B 56 0.78 -22.41 -9.31
CA LEU B 56 0.32 -21.04 -9.20
C LEU B 56 -1.04 -20.89 -9.86
N THR B 57 -2.07 -20.56 -9.08
CA THR B 57 -3.40 -20.39 -9.68
C THR B 57 -3.28 -19.26 -10.70
N HIS B 58 -2.45 -18.26 -10.38
CA HIS B 58 -2.21 -17.15 -11.30
C HIS B 58 -1.04 -16.30 -10.84
N LEU B 59 -0.62 -15.36 -11.68
CA LEU B 59 0.54 -14.53 -11.37
C LEU B 59 0.34 -13.18 -10.70
N HIS B 60 -0.78 -12.97 -10.01
CA HIS B 60 -0.95 -11.72 -9.30
C HIS B 60 0.00 -11.82 -8.10
N ILE B 61 0.57 -10.69 -7.68
CA ILE B 61 1.56 -10.71 -6.62
C ILE B 61 1.19 -11.35 -5.29
N ASP B 62 -0.10 -11.37 -4.96
CA ASP B 62 -0.53 -11.97 -3.70
C ASP B 62 -0.61 -13.51 -3.73
N HIS B 63 -0.13 -14.10 -4.83
CA HIS B 63 -0.15 -15.56 -4.97
C HIS B 63 1.20 -16.16 -5.32
N ILE B 64 2.22 -15.31 -5.45
CA ILE B 64 3.54 -15.79 -5.83
C ILE B 64 4.67 -15.23 -4.98
N GLY B 65 4.31 -14.52 -3.91
CA GLY B 65 5.30 -13.87 -3.04
C GLY B 65 6.46 -14.61 -2.44
N LEU B 66 6.24 -15.83 -1.94
CA LEU B 66 7.31 -16.57 -1.29
C LEU B 66 8.12 -17.52 -2.19
N LEU B 67 7.90 -17.45 -3.50
CA LEU B 67 8.62 -18.32 -4.42
C LEU B 67 10.15 -18.23 -4.31
N PRO B 68 10.69 -17.01 -4.18
CA PRO B 68 12.16 -16.90 -4.09
C PRO B 68 12.74 -17.74 -2.96
N GLU B 69 12.13 -17.66 -1.78
CA GLU B 69 12.62 -18.42 -0.63
C GLU B 69 12.31 -19.91 -0.77
N LEU B 70 11.08 -20.23 -1.17
CA LEU B 70 10.69 -21.62 -1.32
C LEU B 70 11.57 -22.40 -2.29
N LEU B 71 11.97 -21.76 -3.38
CA LEU B 71 12.79 -22.44 -4.38
C LEU B 71 14.25 -22.60 -3.94
N GLN B 72 14.63 -21.97 -2.83
CA GLN B 72 15.99 -22.12 -2.33
C GLN B 72 16.00 -23.19 -1.25
N VAL B 73 14.92 -23.26 -0.47
CA VAL B 73 14.82 -24.23 0.61
C VAL B 73 14.45 -25.62 0.08
N TYR B 74 13.56 -25.66 -0.92
CA TYR B 74 13.11 -26.93 -1.49
C TYR B 74 13.52 -27.10 -2.95
N LYS B 75 13.46 -28.34 -3.43
CA LYS B 75 13.81 -28.65 -4.82
C LYS B 75 12.57 -28.61 -5.71
N ALA B 76 11.54 -27.92 -5.23
CA ALA B 76 10.28 -27.82 -5.96
C ALA B 76 10.36 -27.16 -7.33
N LYS B 77 9.41 -27.50 -8.18
CA LYS B 77 9.29 -26.93 -9.51
C LYS B 77 7.99 -26.13 -9.47
N VAL B 78 7.97 -24.98 -10.12
CA VAL B 78 6.77 -24.15 -10.17
C VAL B 78 6.00 -24.48 -11.44
N LEU B 79 4.69 -24.69 -11.31
CA LEU B 79 3.86 -24.97 -12.49
C LEU B 79 3.06 -23.71 -12.78
N VAL B 80 3.19 -23.19 -14.00
CA VAL B 80 2.49 -21.97 -14.39
C VAL B 80 1.88 -22.12 -15.78
N LYS B 81 0.77 -21.43 -16.02
CA LYS B 81 0.10 -21.48 -17.31
C LYS B 81 1.08 -21.13 -18.43
N SER B 82 1.10 -21.95 -19.47
CA SER B 82 2.00 -21.74 -20.60
C SER B 82 1.83 -20.33 -21.17
N GLY B 83 2.97 -19.70 -21.47
CA GLY B 83 2.95 -18.36 -22.02
C GLY B 83 3.27 -17.29 -20.98
N PHE B 84 3.37 -17.71 -19.72
CA PHE B 84 3.63 -16.76 -18.65
C PHE B 84 4.89 -17.01 -17.82
N LYS B 85 5.62 -18.07 -18.12
CA LYS B 85 6.85 -18.37 -17.40
C LYS B 85 7.83 -17.21 -17.51
N LYS B 86 7.84 -16.57 -18.68
CA LYS B 86 8.76 -15.47 -18.95
C LYS B 86 8.64 -14.30 -17.97
N TYR B 87 7.47 -14.11 -17.38
CA TYR B 87 7.26 -13.01 -16.44
C TYR B 87 7.92 -13.25 -15.09
N LEU B 88 8.27 -14.50 -14.80
CA LEU B 88 8.89 -14.85 -13.53
C LEU B 88 10.39 -15.10 -13.59
N THR B 89 10.91 -15.29 -14.80
CA THR B 89 12.31 -15.61 -14.96
C THR B 89 13.29 -14.53 -15.40
N SER B 90 12.81 -13.30 -15.54
CA SER B 90 13.69 -12.20 -15.94
C SER B 90 13.35 -10.94 -15.15
N GLU B 91 14.32 -10.06 -15.02
CA GLU B 91 14.12 -8.81 -14.28
C GLU B 91 13.05 -7.97 -14.96
N ASP B 92 13.05 -7.97 -16.29
CA ASP B 92 12.06 -7.21 -17.04
C ASP B 92 10.69 -7.84 -16.86
N GLY B 93 10.66 -9.15 -16.71
CA GLY B 93 9.40 -9.84 -16.51
C GLY B 93 8.81 -9.39 -15.19
N LEU B 94 9.62 -9.44 -14.14
CA LEU B 94 9.17 -9.00 -12.81
C LEU B 94 8.69 -7.56 -12.85
N LYS B 95 9.43 -6.71 -13.57
CA LYS B 95 9.06 -5.30 -13.65
C LYS B 95 7.64 -5.16 -14.20
N LYS B 96 7.33 -5.90 -15.24
CA LYS B 96 5.98 -5.84 -15.83
C LYS B 96 4.95 -6.30 -14.82
N LEU B 97 5.20 -7.42 -14.17
CA LEU B 97 4.27 -7.95 -13.17
C LEU B 97 4.05 -6.96 -12.04
N ASN B 98 5.14 -6.45 -11.46
CA ASN B 98 5.04 -5.51 -10.36
C ASN B 98 4.41 -4.19 -10.76
N GLU B 99 4.76 -3.69 -11.94
CA GLU B 99 4.22 -2.43 -12.41
C GLU B 99 2.71 -2.54 -12.56
N SER B 100 2.26 -3.62 -13.18
CA SER B 100 0.83 -3.84 -13.37
C SER B 100 0.12 -3.96 -12.02
N ALA B 101 0.78 -4.62 -11.06
CA ALA B 101 0.20 -4.81 -9.74
C ALA B 101 0.05 -3.47 -9.01
N GLU B 102 1.10 -2.67 -9.03
CA GLU B 102 1.09 -1.39 -8.35
C GLU B 102 0.02 -0.46 -8.90
N LYS B 103 -0.16 -0.45 -10.22
CA LYS B 103 -1.17 0.40 -10.85
C LYS B 103 -2.58 0.10 -10.34
N VAL B 104 -2.88 -1.19 -10.16
CA VAL B 104 -4.19 -1.61 -9.70
C VAL B 104 -4.37 -1.59 -8.19
N LEU B 105 -3.33 -1.98 -7.45
CA LEU B 105 -3.42 -2.04 -5.99
C LEU B 105 -3.15 -0.77 -5.21
N GLY B 106 -2.41 0.17 -5.80
CA GLY B 106 -2.11 1.39 -5.05
C GLY B 106 -1.31 1.04 -3.80
N ASP B 107 -1.73 1.59 -2.66
CA ASP B 107 -1.02 1.33 -1.40
C ASP B 107 -0.92 -0.14 -1.01
N LEU B 108 -1.89 -0.94 -1.45
CA LEU B 108 -1.87 -2.36 -1.12
C LEU B 108 -0.64 -3.05 -1.69
N TYR B 109 -0.05 -2.47 -2.73
CA TYR B 109 1.15 -3.03 -3.34
C TYR B 109 2.25 -3.19 -2.30
N TYR B 110 2.40 -2.20 -1.43
CA TYR B 110 3.43 -2.26 -0.41
C TYR B 110 3.03 -3.09 0.81
N VAL B 111 1.73 -3.29 0.99
CA VAL B 111 1.25 -4.10 2.10
C VAL B 111 1.55 -5.55 1.75
N TYR B 112 1.17 -5.97 0.55
CA TYR B 112 1.41 -7.34 0.11
C TYR B 112 2.89 -7.53 -0.26
N GLY B 113 3.42 -6.58 -1.03
CA GLY B 113 4.82 -6.65 -1.42
C GLY B 113 5.01 -7.16 -2.84
N GLY B 114 5.83 -6.46 -3.60
CA GLY B 114 6.09 -6.87 -4.97
C GLY B 114 7.05 -8.05 -5.03
N LEU B 115 7.18 -8.65 -6.22
CA LEU B 115 8.08 -9.78 -6.41
C LEU B 115 9.51 -9.34 -6.20
N GLU B 116 10.16 -9.92 -5.19
CA GLU B 116 11.53 -9.59 -4.83
C GLU B 116 12.55 -9.81 -5.95
N LYS B 117 12.75 -11.07 -6.32
CA LYS B 117 13.73 -11.40 -7.36
C LYS B 117 13.23 -12.45 -8.35
N LYS B 118 13.94 -12.57 -9.46
CA LYS B 118 13.57 -13.51 -10.51
C LYS B 118 13.88 -14.95 -10.14
N LEU B 119 13.19 -15.88 -10.79
CA LEU B 119 13.38 -17.30 -10.52
C LEU B 119 14.21 -17.95 -11.62
N ASP B 120 14.93 -19.01 -11.26
CA ASP B 120 15.73 -19.74 -12.23
C ASP B 120 14.80 -20.38 -13.25
N GLN B 121 15.17 -20.30 -14.53
CA GLN B 121 14.38 -20.86 -15.61
C GLN B 121 14.09 -22.35 -15.43
N ASP B 122 15.10 -23.11 -15.01
CA ASP B 122 14.95 -24.55 -14.84
C ASP B 122 14.05 -24.97 -13.68
N LYS B 123 13.56 -23.99 -12.91
CA LYS B 123 12.68 -24.32 -11.78
C LYS B 123 11.22 -24.02 -12.08
N VAL B 124 10.97 -23.51 -13.28
CA VAL B 124 9.61 -23.18 -13.69
C VAL B 124 9.21 -24.01 -14.91
N ILE B 125 8.08 -24.70 -14.81
CA ILE B 125 7.59 -25.53 -15.89
C ILE B 125 6.24 -25.04 -16.37
N GLU B 126 6.11 -24.82 -17.67
CA GLU B 126 4.85 -24.36 -18.23
C GLU B 126 3.90 -25.52 -18.44
N VAL B 127 2.63 -25.29 -18.16
CA VAL B 127 1.61 -26.32 -18.34
C VAL B 127 0.42 -25.74 -19.10
N GLU B 128 -0.28 -26.61 -19.81
CA GLU B 128 -1.44 -26.19 -20.60
C GLU B 128 -2.65 -25.94 -19.72
N GLY B 129 -2.67 -26.57 -18.56
CA GLY B 129 -3.79 -26.39 -17.65
C GLY B 129 -4.79 -27.52 -17.69
N ASN B 130 -4.33 -28.71 -18.10
CA ASN B 130 -5.21 -29.87 -18.16
C ASN B 130 -4.44 -31.13 -17.76
N GLU B 131 -3.22 -30.94 -17.28
CA GLU B 131 -2.38 -32.06 -16.87
C GLU B 131 -2.89 -32.78 -15.62
N GLU B 132 -2.59 -34.08 -15.54
CA GLU B 132 -2.99 -34.89 -14.40
C GLU B 132 -1.75 -35.43 -13.72
N PHE B 133 -1.82 -35.54 -12.39
CA PHE B 133 -0.69 -36.02 -11.60
C PHE B 133 -1.14 -37.03 -10.56
N ASP B 134 -0.34 -38.06 -10.35
CA ASP B 134 -0.64 -39.07 -9.34
C ASP B 134 0.17 -38.69 -8.11
N LEU B 135 -0.49 -38.14 -7.10
CA LEU B 135 0.20 -37.72 -5.88
C LEU B 135 0.49 -38.88 -4.93
N GLY B 136 -0.05 -40.05 -5.25
CA GLY B 136 0.16 -41.21 -4.39
C GLY B 136 -0.97 -41.28 -3.38
N GLY B 137 -2.07 -41.91 -3.77
CA GLY B 137 -3.21 -42.03 -2.89
C GLY B 137 -4.22 -40.93 -3.16
N TYR B 138 -3.84 -39.99 -4.03
CA TYR B 138 -4.70 -38.87 -4.40
C TYR B 138 -4.38 -38.49 -5.83
N ARG B 139 -5.37 -38.00 -6.56
CA ARG B 139 -5.15 -37.60 -7.94
C ARG B 139 -5.40 -36.10 -8.13
N ARG B 141 -5.61 -32.74 -10.87
CA ARG B 141 -5.87 -32.35 -12.25
C ARG B 141 -5.97 -30.84 -12.35
N LEU B 142 -5.22 -30.26 -13.28
CA LEU B 142 -5.25 -28.82 -13.48
C LEU B 142 -6.41 -28.50 -14.41
N ILE B 143 -6.98 -27.32 -14.22
CA ILE B 143 -8.08 -26.86 -15.05
C ILE B 143 -7.85 -25.41 -15.39
N TYR B 144 -7.80 -25.10 -16.69
CA TYR B 144 -7.58 -23.73 -17.11
C TYR B 144 -8.86 -22.94 -16.85
N THR B 145 -8.75 -21.89 -16.05
CA THR B 145 -9.90 -21.07 -15.70
C THR B 145 -9.68 -19.58 -15.89
N PRO B 146 -9.53 -19.15 -17.15
CA PRO B 146 -9.32 -17.72 -17.44
C PRO B 146 -10.54 -16.88 -17.11
N GLY B 147 -10.37 -15.56 -17.09
CA GLY B 147 -11.45 -14.67 -16.75
C GLY B 147 -10.94 -13.66 -15.73
N HIS B 148 -10.50 -14.17 -14.58
CA HIS B 148 -9.93 -13.31 -13.55
C HIS B 148 -8.63 -12.77 -14.13
N ALA B 149 -7.97 -13.62 -14.91
CA ALA B 149 -6.71 -13.30 -15.58
C ALA B 149 -6.45 -14.40 -16.62
N ARG B 150 -5.70 -14.06 -17.67
CA ARG B 150 -5.39 -15.03 -18.73
C ARG B 150 -4.49 -16.16 -18.24
N HIS B 151 -3.79 -15.91 -17.14
CA HIS B 151 -2.87 -16.91 -16.59
C HIS B 151 -3.48 -17.70 -15.43
N HIS B 152 -4.79 -17.61 -15.25
CA HIS B 152 -5.45 -18.29 -14.14
C HIS B 152 -5.82 -19.75 -14.37
N SER B 154 -7.14 -23.45 -12.09
CA SER B 154 -7.70 -23.98 -10.85
C SER B 154 -7.13 -25.38 -10.67
N VAL B 155 -7.25 -25.93 -9.45
CA VAL B 155 -6.70 -27.25 -9.19
C VAL B 155 -7.69 -28.18 -8.52
N LEU B 156 -7.83 -29.37 -9.07
CA LEU B 156 -8.72 -30.37 -8.50
C LEU B 156 -7.88 -31.50 -7.90
N VAL B 157 -8.08 -31.77 -6.61
CA VAL B 157 -7.38 -32.87 -5.96
C VAL B 157 -8.53 -33.76 -5.50
N ASP B 158 -8.74 -34.87 -6.21
CA ASP B 158 -9.86 -35.76 -5.94
C ASP B 158 -11.12 -34.92 -6.07
N ASP B 159 -11.89 -34.76 -5.00
CA ASP B 159 -13.10 -33.95 -5.09
C ASP B 159 -12.99 -32.58 -4.42
N PHE B 160 -11.75 -32.14 -4.20
CA PHE B 160 -11.48 -30.82 -3.61
C PHE B 160 -11.12 -29.92 -4.79
N LEU B 161 -11.72 -28.74 -4.87
CA LEU B 161 -11.41 -27.81 -5.96
C LEU B 161 -10.86 -26.53 -5.38
N PHE B 162 -9.61 -26.21 -5.75
CA PHE B 162 -8.94 -25.00 -5.30
C PHE B 162 -9.09 -24.05 -6.47
N THR B 163 -9.91 -23.02 -6.26
CA THR B 163 -10.28 -22.07 -7.30
C THR B 163 -9.50 -20.78 -7.46
N GLY B 164 -8.46 -20.58 -6.65
CA GLY B 164 -7.71 -19.34 -6.76
C GLY B 164 -8.65 -18.14 -6.60
N ASP B 165 -8.67 -17.28 -7.60
CA ASP B 165 -9.51 -16.08 -7.61
C ASP B 165 -10.54 -16.14 -8.74
N SER B 166 -10.91 -17.36 -9.15
CA SER B 166 -11.87 -17.50 -10.26
C SER B 166 -13.30 -17.83 -9.82
N ALA B 167 -13.53 -18.01 -8.53
CA ALA B 167 -14.86 -18.38 -8.09
C ALA B 167 -15.36 -17.64 -6.86
N GLY B 168 -14.74 -16.50 -6.57
CA GLY B 168 -15.14 -15.71 -5.42
C GLY B 168 -14.20 -15.74 -4.23
N ALA B 169 -14.53 -14.90 -3.25
CA ALA B 169 -13.77 -14.79 -2.01
C ALA B 169 -14.84 -14.82 -0.92
N TYR B 170 -14.43 -15.07 0.32
CA TYR B 170 -15.39 -15.17 1.41
C TYR B 170 -14.78 -14.76 2.74
N PHE B 171 -15.40 -13.81 3.43
CA PHE B 171 -14.89 -13.38 4.71
C PHE B 171 -16.04 -13.14 5.68
N ASN B 172 -15.94 -13.76 6.86
CA ASN B 172 -16.97 -13.61 7.89
C ASN B 172 -18.38 -13.78 7.34
N GLY B 173 -18.61 -14.86 6.60
CA GLY B 173 -19.93 -15.12 6.06
C GLY B 173 -20.40 -14.26 4.90
N VAL B 174 -19.50 -13.45 4.34
CA VAL B 174 -19.85 -12.57 3.23
C VAL B 174 -19.10 -12.91 1.95
N VAL B 175 -19.86 -13.13 0.86
CA VAL B 175 -19.28 -13.44 -0.43
C VAL B 175 -18.76 -12.15 -1.05
N ILE B 176 -17.50 -12.16 -1.47
CA ILE B 176 -16.86 -11.00 -2.08
C ILE B 176 -16.40 -11.35 -3.49
N PRO B 177 -16.69 -10.49 -4.47
CA PRO B 177 -16.26 -10.79 -5.83
C PRO B 177 -14.76 -10.66 -6.05
N THR B 178 -14.18 -11.66 -6.71
CA THR B 178 -12.75 -11.67 -7.01
C THR B 178 -12.62 -11.09 -8.41
N THR B 179 -12.91 -9.80 -8.51
CA THR B 179 -12.91 -9.11 -9.80
C THR B 179 -12.11 -7.81 -9.88
N PRO B 180 -10.82 -7.84 -9.55
CA PRO B 180 -10.04 -6.60 -9.63
C PRO B 180 -9.82 -6.26 -11.10
N PRO B 181 -9.60 -4.98 -11.43
CA PRO B 181 -9.37 -4.61 -12.83
C PRO B 181 -8.16 -5.36 -13.38
N VAL B 182 -8.28 -5.94 -14.57
CA VAL B 182 -9.49 -5.89 -15.37
C VAL B 182 -9.84 -7.33 -15.74
N ILE B 183 -11.07 -7.73 -15.48
CA ILE B 183 -11.50 -9.09 -15.78
C ILE B 183 -12.15 -9.20 -17.14
N ASP B 184 -12.11 -10.41 -17.70
CA ASP B 184 -12.77 -10.68 -18.97
C ASP B 184 -14.08 -11.29 -18.50
N TYR B 185 -15.12 -10.47 -18.42
CA TYR B 185 -16.44 -10.92 -17.94
C TYR B 185 -16.94 -12.25 -18.51
N LYS B 186 -16.93 -12.36 -19.84
CA LYS B 186 -17.41 -13.57 -20.50
C LYS B 186 -16.62 -14.81 -20.11
N TYR B 188 -14.75 -15.17 -17.52
CA TYR B 188 -14.89 -15.35 -16.09
C TYR B 188 -16.15 -16.15 -15.76
N GLU B 190 -17.78 -18.14 -17.76
CA GLU B 190 -17.64 -19.48 -18.32
C GLU B 190 -16.85 -20.36 -17.36
N SER B 191 -15.74 -19.84 -16.84
CA SER B 191 -14.92 -20.60 -15.91
C SER B 191 -15.64 -20.88 -14.60
N LEU B 192 -16.43 -19.94 -14.13
CA LEU B 192 -17.17 -20.12 -12.88
C LEU B 192 -18.22 -21.21 -13.06
N LYS B 193 -18.97 -21.13 -14.15
CA LYS B 193 -20.00 -22.13 -14.43
C LYS B 193 -19.39 -23.52 -14.59
N ARG B 194 -18.26 -23.60 -15.27
CA ARG B 194 -17.59 -24.88 -15.48
C ARG B 194 -17.17 -25.50 -14.14
N GLN B 195 -16.73 -24.66 -13.22
CA GLN B 195 -16.29 -25.16 -11.92
C GLN B 195 -17.47 -25.59 -11.05
N ILE B 196 -18.58 -24.88 -11.16
CA ILE B 196 -19.77 -25.26 -10.39
C ILE B 196 -20.23 -26.63 -10.90
N GLU B 197 -20.10 -26.84 -12.21
CA GLU B 197 -20.50 -28.11 -12.83
C GLU B 197 -19.61 -29.30 -12.48
N LEU B 198 -18.43 -29.03 -11.93
CA LEU B 198 -17.53 -30.12 -11.54
C LEU B 198 -18.05 -30.80 -10.28
N LYS B 199 -18.95 -30.11 -9.58
CA LYS B 199 -19.55 -30.62 -8.37
C LYS B 199 -18.56 -31.15 -7.34
N PRO B 200 -17.60 -30.31 -6.92
CA PRO B 200 -16.63 -30.75 -5.92
C PRO B 200 -17.33 -30.90 -4.57
N LYS B 201 -16.70 -31.56 -3.60
CA LYS B 201 -17.34 -31.70 -2.30
C LYS B 201 -17.00 -30.51 -1.42
N VAL B 202 -15.81 -29.95 -1.61
CA VAL B 202 -15.35 -28.79 -0.85
C VAL B 202 -14.54 -27.91 -1.79
N VAL B 203 -14.60 -26.60 -1.58
CA VAL B 203 -13.87 -25.65 -2.41
C VAL B 203 -12.85 -24.91 -1.56
N GLY B 204 -11.68 -24.65 -2.13
CA GLY B 204 -10.65 -23.92 -1.42
C GLY B 204 -10.40 -22.58 -2.09
N PHE B 205 -10.97 -21.51 -1.53
CA PHE B 205 -10.77 -20.16 -2.06
C PHE B 205 -9.36 -19.67 -1.66
N ALA B 206 -8.72 -18.89 -2.53
CA ALA B 206 -7.41 -18.35 -2.17
C ALA B 206 -7.66 -17.29 -1.10
N HIS B 207 -8.78 -16.59 -1.20
CA HIS B 207 -9.13 -15.56 -0.24
C HIS B 207 -10.41 -15.94 0.49
N GLY B 208 -10.23 -16.52 1.68
CA GLY B 208 -11.36 -16.97 2.47
C GLY B 208 -11.20 -18.39 2.97
N GLY B 209 -10.29 -19.13 2.36
CA GLY B 209 -10.07 -20.51 2.80
C GLY B 209 -11.09 -21.51 2.27
N LEU B 210 -11.29 -22.59 3.03
CA LEU B 210 -12.22 -23.62 2.60
C LEU B 210 -13.67 -23.16 2.78
N VAL B 211 -14.50 -23.43 1.77
CA VAL B 211 -15.91 -23.05 1.79
C VAL B 211 -16.73 -24.14 1.11
N SER B 212 -18.05 -24.09 1.28
CA SER B 212 -18.90 -25.07 0.64
C SER B 212 -19.05 -24.71 -0.83
N PRO B 213 -19.27 -25.71 -1.69
CA PRO B 213 -19.42 -25.46 -3.12
C PRO B 213 -20.54 -24.44 -3.41
N LYS B 214 -21.55 -24.40 -2.54
CA LYS B 214 -22.66 -23.48 -2.74
C LYS B 214 -22.22 -22.02 -2.80
N ILE B 215 -21.11 -21.70 -2.15
CA ILE B 215 -20.63 -20.32 -2.18
C ILE B 215 -20.33 -19.87 -3.59
N GLU B 217 -21.98 -20.70 -6.21
CA GLU B 217 -23.27 -20.39 -6.83
C GLU B 217 -23.78 -19.05 -6.31
N GLU B 218 -23.49 -18.74 -5.06
CA GLU B 218 -23.90 -17.47 -4.48
C GLU B 218 -23.12 -16.36 -5.18
N HIS B 219 -21.87 -16.65 -5.52
CA HIS B 219 -21.02 -15.69 -6.22
C HIS B 219 -21.55 -15.50 -7.64
N LEU B 220 -21.96 -16.59 -8.28
CA LEU B 220 -22.50 -16.49 -9.64
C LEU B 220 -23.70 -15.54 -9.61
N LYS B 221 -24.57 -15.71 -8.62
CA LYS B 221 -25.75 -14.85 -8.50
C LYS B 221 -25.30 -13.41 -8.33
N GLN B 222 -24.31 -13.22 -7.47
CA GLN B 222 -23.75 -11.90 -7.21
C GLN B 222 -23.30 -11.24 -8.51
N LEU B 224 -24.47 -11.77 -11.37
CA LEU B 224 -25.63 -11.55 -12.23
C LEU B 224 -26.54 -10.45 -11.71
N SER B 225 -26.32 -10.00 -10.48
CA SER B 225 -27.15 -8.97 -9.88
C SER B 225 -27.28 -7.73 -10.75
N LYS B 226 -28.52 -7.26 -10.91
CA LYS B 226 -28.78 -6.07 -11.70
C LYS B 226 -28.54 -4.84 -10.85
N GLU B 227 -28.78 -4.98 -9.55
CA GLU B 227 -28.56 -3.88 -8.62
C GLU B 227 -27.08 -3.86 -8.22
N GLU B 228 -26.50 -2.66 -8.19
CA GLU B 228 -25.11 -2.51 -7.82
C GLU B 228 -24.81 -3.24 -6.51
N ILE B 229 -23.75 -4.04 -6.52
CA ILE B 229 -23.35 -4.80 -5.35
C ILE B 229 -22.71 -3.94 -4.27
N GLN B 230 -23.13 -4.16 -3.03
CA GLN B 230 -22.59 -3.44 -1.87
C GLN B 230 -22.05 -4.48 -0.91
N ILE B 231 -20.85 -4.25 -0.38
CA ILE B 231 -20.24 -5.19 0.54
C ILE B 231 -19.90 -4.58 1.89
N ASN B 232 -20.37 -5.21 2.96
CA ASN B 232 -20.10 -4.75 4.31
C ASN B 232 -19.65 -5.93 5.15
N VAL B 233 -18.39 -5.91 5.57
CA VAL B 233 -17.83 -6.99 6.38
C VAL B 233 -17.59 -6.50 7.81
N ASP B 234 -17.89 -7.36 8.78
CA ASP B 234 -17.70 -7.00 10.17
C ASP B 234 -16.27 -7.27 10.60
N ILE B 235 -15.39 -6.31 10.34
CA ILE B 235 -13.98 -6.43 10.69
C ILE B 235 -13.43 -5.04 11.03
N GLY B 236 -12.57 -4.98 12.03
CA GLY B 236 -12.00 -3.71 12.43
C GLY B 236 -10.49 -3.69 12.37
N GLY B 237 -9.90 -2.63 12.90
CA GLY B 237 -8.45 -2.52 12.91
C GLY B 237 -7.84 -2.39 11.53
N VAL B 238 -6.51 -2.52 11.46
CA VAL B 238 -5.80 -2.42 10.21
C VAL B 238 -6.25 -3.51 9.23
N ALA B 239 -6.57 -4.68 9.77
CA ALA B 239 -7.03 -5.78 8.93
C ALA B 239 -8.27 -5.37 8.16
N GLY B 240 -9.23 -4.75 8.86
CA GLY B 240 -10.45 -4.31 8.21
C GLY B 240 -10.17 -3.24 7.18
N GLU B 241 -9.20 -2.38 7.48
CA GLU B 241 -8.84 -1.30 6.57
C GLU B 241 -8.31 -1.89 5.26
N ILE B 242 -7.41 -2.87 5.39
CA ILE B 242 -6.83 -3.52 4.23
C ILE B 242 -7.88 -4.27 3.42
N LEU B 243 -8.77 -4.98 4.10
CA LEU B 243 -9.81 -5.73 3.41
C LEU B 243 -10.75 -4.76 2.69
N ARG B 244 -11.12 -3.69 3.37
CA ARG B 244 -12.01 -2.68 2.79
C ARG B 244 -11.39 -2.11 1.52
N LYS B 245 -10.09 -1.84 1.56
CA LYS B 245 -9.40 -1.30 0.40
C LYS B 245 -9.42 -2.31 -0.74
N GLN B 246 -9.15 -3.57 -0.44
CA GLN B 246 -9.15 -4.60 -1.47
C GLN B 246 -10.55 -4.76 -2.06
N ILE B 247 -11.57 -4.68 -1.21
CA ILE B 247 -12.95 -4.81 -1.69
C ILE B 247 -13.28 -3.68 -2.66
N GLU B 248 -12.83 -2.46 -2.33
CA GLU B 248 -13.09 -1.32 -3.20
C GLU B 248 -12.51 -1.58 -4.58
N VAL B 249 -11.29 -2.12 -4.61
CA VAL B 249 -10.62 -2.42 -5.87
C VAL B 249 -11.40 -3.46 -6.68
N ASN B 250 -11.88 -4.49 -5.99
CA ASN B 250 -12.64 -5.54 -6.66
C ASN B 250 -13.98 -5.03 -7.19
N LEU B 251 -14.63 -4.15 -6.42
CA LEU B 251 -15.91 -3.60 -6.85
C LEU B 251 -15.72 -2.66 -8.02
N ARG B 252 -14.53 -2.07 -8.13
CA ARG B 252 -14.23 -1.17 -9.24
C ARG B 252 -14.07 -2.02 -10.49
N GLY B 253 -13.36 -3.14 -10.35
CA GLY B 253 -13.15 -4.02 -11.47
C GLY B 253 -14.45 -4.60 -11.98
N LEU B 254 -15.37 -4.89 -11.07
CA LEU B 254 -16.66 -5.44 -11.44
C LEU B 254 -17.48 -4.38 -12.18
N ARG B 255 -17.65 -3.24 -11.52
CA ARG B 255 -18.40 -2.12 -12.08
C ARG B 255 -17.90 -1.74 -13.48
N GLU B 256 -16.63 -2.01 -13.75
CA GLU B 256 -16.03 -1.68 -15.04
C GLU B 256 -16.13 -2.81 -16.06
N SER B 257 -16.44 -4.03 -15.58
CA SER B 257 -16.55 -5.19 -16.46
C SER B 257 -17.80 -5.13 -17.34
#